data_7L4U
#
_entry.id   7L4U
#
_cell.length_a   92.528
_cell.length_b   127.453
_cell.length_c   135.911
_cell.angle_alpha   90.000
_cell.angle_beta   90.000
_cell.angle_gamma   90.000
#
_symmetry.space_group_name_H-M   'I 2 2 2'
#
loop_
_entity.id
_entity.type
_entity.pdbx_description
1 polymer 'Monoglyceride lipase'
2 non-polymer (5S)-5-(3-{4-[(2-chloro-4-fluorophenoxy)methyl]piperidin-1-yl}-3-oxopropyl)pyrrolidin-2-one
3 non-polymer 'CHLORIDE ION'
4 water water
#
_entity_poly.entity_id   1
_entity_poly.type   'polypeptide(L)'
_entity_poly.pdbx_seq_one_letter_code
;MHHHHHHGSENLYFQGSMPEESSPRRTPQSIPYQDLPHLVNADGQYLFCRYWAPTGTPKALIFVSHGAGEHSGRYEELAR
MLMGLDLLVFAHDHVGHGQSEGERMVVSDFHVFVRDVLQHVDSMQKDYPGLPVFLLGHSMGGAIAILTAAERPGHFAGMV
LISPLVLANPESATTFKVLAAKVLNSVLPNLSSGPIDSSVLSRNKTEVDIYNSDPLICRAGLKVCFGIQLLNAVSRVERA
LPKLTVPFLLLQGSADRLCDSKGAYLLMELAKSQDKTLKIYEGAYHVLHKELPEVTNSVFHEINMWVSQRTATAGTASPP
;
_entity_poly.pdbx_strand_id   A,B
#
loop_
_chem_comp.id
_chem_comp.type
_chem_comp.name
_chem_comp.formula
CL non-polymer 'CHLORIDE ION' 'Cl -1'
XP7 non-polymer (5S)-5-(3-{4-[(2-chloro-4-fluorophenoxy)methyl]piperidin-1-yl}-3-oxopropyl)pyrrolidin-2-one 'C19 H24 Cl F N2 O3'
#
# COMPACT_ATOMS: atom_id res chain seq x y z
N SER A 23 22.55 -8.72 -5.25
CA SER A 23 22.46 -9.42 -3.92
C SER A 23 21.07 -9.22 -3.33
N PRO A 24 20.26 -10.29 -3.18
CA PRO A 24 18.99 -10.22 -2.45
C PRO A 24 19.06 -9.37 -1.17
N ARG A 25 18.05 -8.50 -0.95
CA ARG A 25 17.87 -7.76 0.33
C ARG A 25 17.72 -8.74 1.49
N ARG A 26 18.38 -8.42 2.60
CA ARG A 26 18.58 -9.29 3.78
C ARG A 26 18.02 -8.60 5.01
N THR A 27 17.55 -9.37 5.98
CA THR A 27 17.18 -8.89 7.33
C THR A 27 18.46 -8.39 8.02
N PRO A 28 18.33 -7.59 9.10
CA PRO A 28 19.48 -7.18 9.88
C PRO A 28 20.20 -8.38 10.53
N GLN A 29 19.56 -9.54 10.54
CA GLN A 29 20.18 -10.82 10.97
C GLN A 29 20.61 -11.61 9.72
N SER A 30 20.77 -10.95 8.56
CA SER A 30 21.39 -11.50 7.33
C SER A 30 20.60 -12.68 6.74
N ILE A 31 19.28 -12.74 6.94
CA ILE A 31 18.40 -13.73 6.24
C ILE A 31 17.73 -13.02 5.05
N PRO A 32 17.76 -13.64 3.85
CA PRO A 32 17.19 -13.02 2.65
C PRO A 32 15.66 -12.93 2.71
N TYR A 33 15.09 -11.77 2.37
CA TYR A 33 13.63 -11.51 2.49
C TYR A 33 12.87 -12.37 1.47
N GLN A 34 13.51 -12.86 0.41
CA GLN A 34 12.84 -13.79 -0.56
C GLN A 34 12.49 -15.09 0.18
N ASP A 35 13.12 -15.34 1.35
CA ASP A 35 12.89 -16.58 2.14
C ASP A 35 11.76 -16.41 3.18
N LEU A 36 11.43 -15.17 3.58
CA LEU A 36 10.47 -14.83 4.67
C LEU A 36 9.22 -14.14 4.12
N PRO A 37 8.03 -14.29 4.75
CA PRO A 37 6.91 -13.39 4.47
C PRO A 37 7.31 -11.94 4.81
N HIS A 38 6.99 -11.01 3.90
CA HIS A 38 7.43 -9.60 3.97
C HIS A 38 6.47 -8.71 3.18
N LEU A 39 6.58 -7.41 3.46
CA LEU A 39 5.97 -6.36 2.64
C LEU A 39 6.97 -5.20 2.53
N VAL A 40 6.77 -4.30 1.58
CA VAL A 40 7.64 -3.09 1.46
C VAL A 40 6.81 -1.86 1.74
N ASN A 41 7.25 -1.04 2.69
CA ASN A 41 6.48 0.14 3.17
C ASN A 41 6.65 1.28 2.17
N ALA A 42 6.00 2.42 2.43
CA ALA A 42 5.97 3.58 1.51
C ALA A 42 7.38 4.19 1.38
N ASP A 43 8.24 3.96 2.37
CA ASP A 43 9.62 4.51 2.46
C ASP A 43 10.61 3.58 1.75
N GLY A 44 10.13 2.49 1.15
CA GLY A 44 10.96 1.50 0.45
C GLY A 44 11.65 0.51 1.40
N GLN A 45 11.24 0.47 2.68
CA GLN A 45 11.83 -0.43 3.71
C GLN A 45 11.07 -1.76 3.70
N TYR A 46 11.77 -2.88 3.88
CA TYR A 46 11.17 -4.22 4.01
C TYR A 46 10.73 -4.44 5.47
N LEU A 47 9.47 -4.82 5.69
CA LEU A 47 8.97 -5.28 7.01
C LEU A 47 8.76 -6.78 6.98
N PHE A 48 9.27 -7.47 8.01
CA PHE A 48 9.01 -8.91 8.24
C PHE A 48 7.57 -9.10 8.71
N CYS A 49 6.89 -10.08 8.12
CA CYS A 49 5.47 -10.39 8.33
C CYS A 49 5.34 -11.82 8.88
N ARG A 50 4.23 -12.06 9.56
CA ARG A 50 3.96 -13.27 10.36
C ARG A 50 2.45 -13.44 10.31
N TYR A 51 1.99 -14.64 9.99
CA TYR A 51 0.57 -15.00 9.78
C TYR A 51 0.33 -16.29 10.52
N TRP A 52 -0.84 -16.39 11.16
CA TRP A 52 -1.39 -17.65 11.71
C TRP A 52 -2.82 -17.76 11.17
N ALA A 53 -3.00 -18.55 10.11
CA ALA A 53 -4.29 -18.71 9.38
C ALA A 53 -4.95 -19.98 9.89
N PRO A 54 -6.25 -19.96 10.21
CA PRO A 54 -6.93 -21.19 10.58
C PRO A 54 -7.06 -21.96 9.26
N THR A 55 -7.38 -23.26 9.35
CA THR A 55 -7.86 -24.04 8.20
C THR A 55 -9.35 -23.72 8.03
N GLY A 56 -9.86 -23.90 6.81
CA GLY A 56 -11.19 -23.41 6.41
C GLY A 56 -11.23 -21.90 6.54
N THR A 57 -12.41 -21.32 6.37
CA THR A 57 -12.59 -19.86 6.12
C THR A 57 -12.61 -19.10 7.45
N PRO A 58 -11.93 -17.94 7.53
CA PRO A 58 -11.84 -17.16 8.76
C PRO A 58 -13.08 -16.34 9.10
N LYS A 59 -13.36 -16.15 10.39
CA LYS A 59 -14.50 -15.33 10.91
C LYS A 59 -14.15 -13.84 10.93
N ALA A 60 -12.87 -13.50 11.03
CA ALA A 60 -12.42 -12.10 11.15
C ALA A 60 -10.90 -12.04 10.98
N LEU A 61 -10.41 -10.82 10.85
CA LEU A 61 -8.96 -10.50 10.79
C LEU A 61 -8.57 -9.80 12.08
N ILE A 62 -7.35 -10.00 12.53
CA ILE A 62 -6.80 -9.26 13.70
C ILE A 62 -5.31 -9.07 13.45
N PHE A 63 -4.89 -7.81 13.42
CA PHE A 63 -3.45 -7.40 13.39
C PHE A 63 -2.98 -7.34 14.84
N VAL A 64 -1.80 -7.88 15.10
CA VAL A 64 -1.11 -7.83 16.42
C VAL A 64 0.08 -6.88 16.26
N SER A 65 0.08 -5.88 17.12
CA SER A 65 0.98 -4.71 17.09
C SER A 65 1.87 -4.77 18.35
N HIS A 66 3.14 -5.12 18.17
CA HIS A 66 4.10 -5.32 19.28
C HIS A 66 4.59 -3.96 19.78
N GLY A 67 5.27 -4.00 20.92
CA GLY A 67 5.81 -2.79 21.61
C GLY A 67 7.28 -2.52 21.27
N ALA A 68 7.83 -1.49 21.94
CA ALA A 68 9.18 -0.93 21.77
C ALA A 68 10.26 -1.94 22.15
N GLY A 69 11.32 -2.01 21.33
CA GLY A 69 12.45 -2.95 21.48
C GLY A 69 12.11 -4.37 21.05
N GLU A 70 10.83 -4.77 21.00
CA GLU A 70 10.49 -6.20 20.84
C GLU A 70 10.10 -6.47 19.39
N HIS A 71 9.37 -7.57 19.10
CA HIS A 71 8.99 -7.98 17.72
C HIS A 71 7.75 -8.88 17.72
N SER A 72 7.18 -9.18 16.55
CA SER A 72 5.97 -10.01 16.30
C SER A 72 6.08 -11.42 16.92
N GLY A 73 7.30 -11.96 17.01
CA GLY A 73 7.57 -13.34 17.47
C GLY A 73 7.08 -13.60 18.90
N ARG A 74 7.02 -12.54 19.70
CA ARG A 74 6.63 -12.59 21.14
C ARG A 74 5.12 -12.82 21.31
N TYR A 75 4.35 -12.84 20.22
CA TYR A 75 2.89 -12.98 20.27
C TYR A 75 2.49 -14.36 19.77
N GLU A 76 3.47 -15.27 19.67
CA GLU A 76 3.25 -16.67 19.24
C GLU A 76 2.05 -17.25 20.00
N GLU A 77 2.07 -17.20 21.33
CA GLU A 77 1.04 -17.89 22.15
C GLU A 77 -0.33 -17.22 21.89
N LEU A 78 -0.49 -15.94 22.24
CA LEU A 78 -1.75 -15.20 21.99
C LEU A 78 -2.22 -15.45 20.57
N ALA A 79 -1.32 -15.38 19.56
CA ALA A 79 -1.74 -15.44 18.14
C ALA A 79 -2.35 -16.81 17.86
N ARG A 80 -1.74 -17.89 18.37
CA ARG A 80 -2.21 -19.28 18.19
C ARG A 80 -3.62 -19.43 18.80
N MET A 81 -3.88 -18.81 19.94
CA MET A 81 -5.18 -18.86 20.66
C MET A 81 -6.25 -18.15 19.81
N LEU A 82 -5.92 -17.00 19.20
CA LEU A 82 -6.86 -16.23 18.36
C LEU A 82 -7.20 -17.01 17.08
N MET A 83 -6.19 -17.60 16.42
CA MET A 83 -6.35 -18.45 15.21
C MET A 83 -7.30 -19.62 15.53
N GLY A 84 -7.20 -20.15 16.75
CA GLY A 84 -8.04 -21.24 17.31
C GLY A 84 -9.49 -20.86 17.47
N LEU A 85 -9.82 -19.57 17.54
CA LEU A 85 -11.22 -19.06 17.49
C LEU A 85 -11.62 -18.82 16.03
N ASP A 86 -10.82 -19.32 15.07
CA ASP A 86 -10.99 -19.17 13.60
C ASP A 86 -10.85 -17.69 13.16
N LEU A 87 -9.94 -16.94 13.80
CA LEU A 87 -9.51 -15.61 13.28
C LEU A 87 -8.20 -15.75 12.48
N LEU A 88 -8.07 -15.01 11.38
CA LEU A 88 -6.80 -14.87 10.64
C LEU A 88 -5.96 -13.79 11.33
N VAL A 89 -4.94 -14.21 12.06
CA VAL A 89 -4.04 -13.33 12.84
C VAL A 89 -2.86 -12.97 11.91
N PHE A 90 -2.58 -11.69 11.72
CA PHE A 90 -1.39 -11.24 10.96
C PHE A 90 -0.64 -10.24 11.82
N ALA A 91 0.64 -10.03 11.51
CA ALA A 91 1.51 -9.06 12.19
C ALA A 91 2.74 -8.72 11.34
N HIS A 92 3.45 -7.66 11.70
CA HIS A 92 4.77 -7.36 11.14
C HIS A 92 5.62 -6.73 12.24
N ASP A 93 6.94 -6.77 12.08
CA ASP A 93 7.87 -6.02 12.97
C ASP A 93 7.83 -4.57 12.48
N HIS A 94 7.56 -3.63 13.37
CA HIS A 94 7.57 -2.18 13.08
C HIS A 94 8.94 -1.83 12.52
N VAL A 95 9.08 -0.72 11.81
CA VAL A 95 10.41 -0.36 11.28
C VAL A 95 11.34 -0.26 12.51
N GLY A 96 12.59 -0.69 12.32
CA GLY A 96 13.68 -0.57 13.31
C GLY A 96 13.53 -1.53 14.47
N HIS A 97 12.81 -2.64 14.25
CA HIS A 97 12.57 -3.74 15.22
C HIS A 97 12.69 -5.09 14.51
N GLY A 98 12.99 -6.14 15.26
CA GLY A 98 12.88 -7.53 14.81
C GLY A 98 13.64 -7.73 13.51
N GLN A 99 12.99 -8.44 12.58
CA GLN A 99 13.55 -8.90 11.31
C GLN A 99 13.23 -7.86 10.23
N SER A 100 12.74 -6.69 10.61
CA SER A 100 12.42 -5.58 9.66
C SER A 100 13.64 -4.67 9.57
N GLU A 101 13.68 -3.85 8.52
CA GLU A 101 14.78 -2.88 8.27
C GLU A 101 14.64 -1.63 9.16
N GLY A 102 15.72 -0.87 9.25
CA GLY A 102 15.83 0.45 9.89
C GLY A 102 16.82 0.46 11.04
N GLU A 103 17.48 1.58 11.24
CA GLU A 103 18.25 1.87 12.49
C GLU A 103 17.36 1.43 13.68
N ARG A 104 17.93 0.65 14.59
CA ARG A 104 17.23 0.01 15.75
C ARG A 104 16.57 1.09 16.60
N MET A 105 15.26 1.01 16.79
CA MET A 105 14.50 1.81 17.79
C MET A 105 14.69 3.30 17.53
N VAL A 106 14.49 3.67 16.27
CA VAL A 106 14.55 5.05 15.73
C VAL A 106 13.45 5.11 14.67
N VAL A 107 12.79 6.25 14.49
CA VAL A 107 11.83 6.39 13.36
C VAL A 107 11.70 7.85 12.98
N SER A 108 11.47 8.14 11.71
CA SER A 108 11.47 9.55 11.21
C SER A 108 10.26 10.28 11.81
N ASP A 109 9.10 9.65 11.90
CA ASP A 109 7.93 10.18 12.66
C ASP A 109 7.13 8.98 13.16
N PHE A 110 6.47 9.09 14.31
CA PHE A 110 5.75 7.94 14.92
C PHE A 110 4.67 7.46 13.94
N HIS A 111 4.12 8.35 13.10
CA HIS A 111 3.02 8.05 12.16
C HIS A 111 3.40 6.96 11.15
N VAL A 112 4.69 6.76 10.88
CA VAL A 112 5.19 5.68 9.98
C VAL A 112 4.61 4.33 10.44
N PHE A 113 4.66 4.08 11.74
CA PHE A 113 4.19 2.82 12.36
C PHE A 113 2.70 2.63 12.00
N VAL A 114 1.90 3.69 12.16
CA VAL A 114 0.43 3.69 11.93
C VAL A 114 0.20 3.48 10.44
N ARG A 115 0.98 4.19 9.63
CA ARG A 115 0.89 4.10 8.15
C ARG A 115 1.10 2.65 7.71
N ASP A 116 2.11 2.01 8.29
CA ASP A 116 2.55 0.63 7.95
C ASP A 116 1.49 -0.39 8.39
N VAL A 117 0.84 -0.20 9.55
CA VAL A 117 -0.28 -1.07 10.00
C VAL A 117 -1.41 -0.99 8.96
N LEU A 118 -1.79 0.24 8.58
CA LEU A 118 -2.89 0.52 7.61
C LEU A 118 -2.61 -0.13 6.26
N GLN A 119 -1.38 0.00 5.76
CA GLN A 119 -0.98 -0.70 4.52
C GLN A 119 -1.26 -2.21 4.65
N HIS A 120 -0.77 -2.84 5.73
CA HIS A 120 -0.89 -4.31 5.95
C HIS A 120 -2.39 -4.64 6.09
N VAL A 121 -3.11 -3.83 6.85
CA VAL A 121 -4.57 -4.08 7.03
C VAL A 121 -5.25 -4.00 5.66
N ASP A 122 -5.04 -2.90 4.90
CA ASP A 122 -5.64 -2.69 3.56
C ASP A 122 -5.33 -3.89 2.66
N SER A 123 -4.11 -4.43 2.72
CA SER A 123 -3.71 -5.62 1.91
C SER A 123 -4.56 -6.82 2.31
N MET A 124 -4.56 -7.15 3.60
CA MET A 124 -5.30 -8.33 4.12
C MET A 124 -6.79 -8.23 3.74
N GLN A 125 -7.37 -7.03 3.80
CA GLN A 125 -8.82 -6.81 3.55
C GLN A 125 -9.12 -7.05 2.07
N LYS A 126 -8.20 -6.62 1.19
CA LYS A 126 -8.29 -6.86 -0.26
C LYS A 126 -8.45 -8.37 -0.48
N ASP A 127 -7.74 -9.23 0.28
CA ASP A 127 -7.57 -10.68 0.00
C ASP A 127 -8.68 -11.46 0.72
N TYR A 128 -9.25 -10.89 1.80
CA TYR A 128 -10.37 -11.42 2.60
C TYR A 128 -11.38 -10.30 2.78
N PRO A 129 -12.16 -9.99 1.73
CA PRO A 129 -13.17 -8.95 1.83
C PRO A 129 -14.33 -9.55 2.63
N GLY A 130 -15.21 -8.68 3.14
CA GLY A 130 -16.36 -9.06 3.99
C GLY A 130 -16.01 -9.07 5.46
N LEU A 131 -14.74 -9.32 5.83
CA LEU A 131 -14.38 -9.76 7.20
C LEU A 131 -14.20 -8.55 8.11
N PRO A 132 -14.70 -8.62 9.36
CA PRO A 132 -14.36 -7.60 10.36
C PRO A 132 -12.87 -7.69 10.70
N VAL A 133 -12.25 -6.56 11.02
CA VAL A 133 -10.80 -6.52 11.38
C VAL A 133 -10.67 -5.89 12.76
N PHE A 134 -10.00 -6.64 13.64
CA PHE A 134 -9.63 -6.26 15.02
C PHE A 134 -8.13 -5.89 15.08
N LEU A 135 -7.78 -5.10 16.10
CA LEU A 135 -6.41 -4.74 16.48
C LEU A 135 -6.17 -5.28 17.89
N LEU A 136 -5.01 -5.88 18.13
CA LEU A 136 -4.44 -6.09 19.47
C LEU A 136 -3.07 -5.40 19.54
N GLY A 137 -2.86 -4.59 20.56
CA GLY A 137 -1.61 -3.86 20.76
C GLY A 137 -1.22 -3.93 22.22
N HIS A 138 0.08 -4.01 22.46
CA HIS A 138 0.68 -3.91 23.82
C HIS A 138 1.63 -2.72 23.85
N SER A 139 1.60 -1.97 24.96
CA SER A 139 2.52 -0.84 25.21
C SER A 139 2.51 0.11 24.00
N MET A 140 3.66 0.35 23.35
CA MET A 140 3.82 1.25 22.19
C MET A 140 2.87 0.75 21.06
N GLY A 141 2.76 -0.57 20.93
CA GLY A 141 1.86 -1.24 19.95
C GLY A 141 0.40 -0.94 20.23
N GLY A 142 0.05 -0.66 21.50
CA GLY A 142 -1.29 -0.19 21.91
C GLY A 142 -1.51 1.25 21.50
N ALA A 143 -0.51 2.11 21.70
CA ALA A 143 -0.53 3.50 21.17
C ALA A 143 -0.75 3.45 19.65
N ILE A 144 -0.05 2.59 18.97
CA ILE A 144 -0.19 2.48 17.50
C ILE A 144 -1.61 2.00 17.14
N ALA A 145 -2.13 1.05 17.91
CA ALA A 145 -3.50 0.50 17.74
C ALA A 145 -4.52 1.65 17.84
N ILE A 146 -4.39 2.47 18.88
CA ILE A 146 -5.34 3.58 19.14
C ILE A 146 -5.30 4.54 17.95
N LEU A 147 -4.11 4.98 17.57
CA LEU A 147 -3.95 6.02 16.50
C LEU A 147 -4.47 5.47 15.17
N THR A 148 -4.31 4.16 14.92
CA THR A 148 -4.76 3.47 13.70
C THR A 148 -6.28 3.53 13.64
N ALA A 149 -6.96 3.19 14.74
CA ALA A 149 -8.44 3.21 14.81
C ALA A 149 -8.94 4.65 14.67
N ALA A 150 -8.28 5.60 15.33
CA ALA A 150 -8.66 7.04 15.32
C ALA A 150 -8.53 7.59 13.90
N GLU A 151 -7.65 7.03 13.08
CA GLU A 151 -7.43 7.53 11.70
C GLU A 151 -8.48 6.95 10.73
N ARG A 152 -9.14 5.85 11.06
CA ARG A 152 -10.23 5.28 10.22
C ARG A 152 -11.46 5.10 11.10
N PRO A 153 -12.08 6.21 11.56
CA PRO A 153 -13.13 6.13 12.58
C PRO A 153 -14.27 5.24 12.05
N GLY A 154 -14.70 4.26 12.86
CA GLY A 154 -15.84 3.37 12.55
C GLY A 154 -15.45 2.10 11.81
N HIS A 155 -14.20 1.96 11.34
CA HIS A 155 -13.78 0.84 10.46
C HIS A 155 -13.43 -0.41 11.28
N PHE A 156 -12.77 -0.23 12.43
CA PHE A 156 -12.31 -1.40 13.21
C PHE A 156 -13.49 -1.89 14.06
N ALA A 157 -13.61 -3.20 14.10
CA ALA A 157 -14.68 -3.92 14.83
C ALA A 157 -14.37 -3.90 16.33
N GLY A 158 -13.10 -4.00 16.72
CA GLY A 158 -12.70 -4.05 18.13
C GLY A 158 -11.22 -3.85 18.29
N MET A 159 -10.79 -3.55 19.52
CA MET A 159 -9.39 -3.26 19.88
C MET A 159 -9.10 -3.93 21.22
N VAL A 160 -8.08 -4.76 21.30
CA VAL A 160 -7.64 -5.42 22.55
C VAL A 160 -6.32 -4.77 22.98
N LEU A 161 -6.33 -4.03 24.07
CA LEU A 161 -5.19 -3.19 24.51
C LEU A 161 -4.57 -3.77 25.75
N ILE A 162 -3.31 -4.17 25.67
CA ILE A 162 -2.59 -4.69 26.86
C ILE A 162 -1.65 -3.59 27.34
N SER A 163 -2.00 -2.93 28.44
CA SER A 163 -1.23 -1.82 29.02
C SER A 163 -0.70 -0.95 27.87
N PRO A 164 -1.59 -0.24 27.17
CA PRO A 164 -1.17 0.65 26.10
C PRO A 164 -0.41 1.86 26.67
N LEU A 165 0.54 2.38 25.89
CA LEU A 165 1.22 3.66 26.17
C LEU A 165 0.22 4.79 25.97
N VAL A 166 -0.22 5.45 27.05
CA VAL A 166 -1.20 6.57 27.04
C VAL A 166 -0.54 7.81 27.69
N LEU A 167 0.45 7.60 28.57
CA LEU A 167 1.30 8.64 29.22
C LEU A 167 2.79 8.29 29.05
N ALA A 173 9.55 11.46 32.15
CA ALA A 173 8.15 11.73 32.57
C ALA A 173 8.02 13.12 33.23
N THR A 174 9.09 13.94 33.23
CA THR A 174 9.13 15.30 33.86
C THR A 174 9.08 16.37 32.76
N THR A 175 9.12 17.66 33.12
CA THR A 175 8.82 18.85 32.27
C THR A 175 10.09 19.37 31.58
N PHE A 176 11.22 19.42 32.29
CA PHE A 176 12.52 19.94 31.78
C PHE A 176 13.23 18.85 30.98
N LYS A 177 13.10 17.58 31.39
CA LYS A 177 13.60 16.41 30.62
C LYS A 177 12.86 16.35 29.28
N VAL A 178 11.59 16.81 29.22
CA VAL A 178 10.79 17.01 27.97
C VAL A 178 11.43 18.16 27.18
N LEU A 179 11.49 19.33 27.81
CA LEU A 179 12.02 20.60 27.22
C LEU A 179 13.48 20.42 26.81
N ALA A 180 14.25 19.62 27.57
CA ALA A 180 15.70 19.37 27.37
C ALA A 180 15.91 18.51 26.12
N ALA A 181 15.07 17.50 25.91
CA ALA A 181 15.18 16.52 24.80
C ALA A 181 15.25 17.29 23.47
N LYS A 182 14.18 18.04 23.16
CA LYS A 182 13.98 18.76 21.86
C LYS A 182 15.04 19.85 21.68
N VAL A 183 15.66 20.34 22.77
CA VAL A 183 16.84 21.25 22.72
C VAL A 183 17.98 20.55 21.97
N LEU A 184 18.43 19.38 22.44
CA LEU A 184 19.59 18.66 21.84
C LEU A 184 19.11 17.54 20.90
N ASN A 185 17.81 17.48 20.57
CA ASN A 185 17.27 16.75 19.38
C ASN A 185 17.78 17.45 18.11
N SER A 186 18.16 18.73 18.19
CA SER A 186 18.82 19.51 17.10
C SER A 186 20.30 19.14 16.99
N VAL A 187 21.01 19.09 18.13
CA VAL A 187 22.48 18.87 18.21
C VAL A 187 22.74 17.39 17.84
N LEU A 188 23.00 16.54 18.84
CA LEU A 188 23.10 15.07 18.69
C LEU A 188 21.80 14.49 19.27
N PRO A 189 20.86 14.02 18.41
CA PRO A 189 19.71 13.23 18.88
C PRO A 189 19.96 11.72 19.06
N ASN A 190 21.21 11.27 18.82
CA ASN A 190 21.67 9.84 18.94
C ASN A 190 22.34 9.63 20.31
N LEU A 191 22.13 10.55 21.25
CA LEU A 191 22.38 10.32 22.69
C LEU A 191 21.21 9.48 23.21
N SER A 192 21.48 8.56 24.15
CA SER A 192 20.49 7.62 24.75
C SER A 192 20.35 7.96 26.25
N SER A 193 19.18 7.66 26.83
CA SER A 193 18.97 7.49 28.29
C SER A 193 19.11 6.00 28.59
N GLY A 194 18.73 5.56 29.80
CA GLY A 194 18.77 4.14 30.19
C GLY A 194 18.01 3.22 29.22
N PRO A 195 18.33 1.92 29.23
CA PRO A 195 17.53 0.94 28.49
C PRO A 195 16.21 0.77 29.26
N ILE A 196 15.18 0.26 28.58
CA ILE A 196 13.96 -0.24 29.27
C ILE A 196 14.48 -1.16 30.38
N ASP A 197 14.19 -0.83 31.64
CA ASP A 197 14.62 -1.62 32.83
C ASP A 197 13.87 -2.96 32.83
N SER A 198 14.55 -4.09 32.60
CA SER A 198 13.91 -5.40 32.34
C SER A 198 13.33 -5.99 33.63
N SER A 199 13.76 -5.56 34.81
CA SER A 199 13.31 -6.10 36.12
C SER A 199 11.83 -5.73 36.38
N VAL A 200 11.35 -4.64 35.78
CA VAL A 200 9.97 -4.13 35.98
C VAL A 200 9.08 -4.62 34.83
N LEU A 201 9.53 -5.56 33.99
CA LEU A 201 8.72 -6.05 32.86
C LEU A 201 7.65 -7.02 33.38
N SER A 202 8.04 -7.96 34.22
CA SER A 202 7.20 -9.08 34.67
C SER A 202 7.75 -9.64 35.98
N ARG A 203 6.88 -10.03 36.91
CA ARG A 203 7.24 -10.73 38.17
C ARG A 203 7.66 -12.18 37.83
N ASN A 204 7.33 -12.67 36.64
CA ASN A 204 7.81 -13.99 36.14
C ASN A 204 9.26 -13.81 35.67
N LYS A 205 10.24 -14.29 36.49
CA LYS A 205 11.71 -14.19 36.23
C LYS A 205 12.09 -14.98 34.98
N THR A 206 11.40 -16.09 34.70
CA THR A 206 11.58 -16.90 33.45
C THR A 206 11.40 -15.98 32.24
N GLU A 207 10.44 -15.06 32.29
CA GLU A 207 10.05 -14.21 31.14
C GLU A 207 11.00 -12.99 31.05
N VAL A 208 11.47 -12.46 32.18
CA VAL A 208 12.59 -11.46 32.21
C VAL A 208 13.87 -12.10 31.63
N ASP A 209 14.15 -13.36 31.98
CA ASP A 209 15.29 -14.16 31.43
C ASP A 209 15.09 -14.25 29.90
N ILE A 210 13.95 -14.75 29.44
CA ILE A 210 13.59 -14.89 27.99
C ILE A 210 13.78 -13.55 27.26
N TYR A 211 13.30 -12.45 27.84
CA TYR A 211 13.44 -11.08 27.28
C TYR A 211 14.91 -10.75 27.11
N ASN A 212 15.70 -10.96 28.16
CA ASN A 212 17.17 -10.63 28.19
C ASN A 212 17.96 -11.58 27.26
N SER A 213 17.36 -12.63 26.70
CA SER A 213 18.01 -13.69 25.88
C SER A 213 17.71 -13.54 24.38
N ASP A 214 16.65 -12.83 24.01
CA ASP A 214 16.08 -12.85 22.63
C ASP A 214 16.93 -11.96 21.76
N PRO A 215 17.65 -12.52 20.76
CA PRO A 215 18.55 -11.72 19.94
C PRO A 215 17.79 -10.76 18.99
N LEU A 216 16.46 -10.95 18.80
CA LEU A 216 15.58 -10.03 18.01
C LEU A 216 15.12 -8.84 18.86
N ILE A 217 15.35 -8.89 20.17
CA ILE A 217 14.96 -7.77 21.06
C ILE A 217 16.16 -6.84 21.19
N CYS A 218 15.98 -5.57 20.87
CA CYS A 218 16.99 -4.51 21.07
C CYS A 218 16.88 -4.02 22.53
N ARG A 219 17.93 -4.25 23.33
CA ARG A 219 18.02 -3.86 24.77
C ARG A 219 18.94 -2.64 24.94
N ALA A 220 19.26 -1.94 23.84
CA ALA A 220 20.02 -0.66 23.87
C ALA A 220 19.20 0.43 24.57
N GLY A 221 19.93 1.42 25.10
CA GLY A 221 19.42 2.72 25.57
C GLY A 221 18.38 3.34 24.65
N LEU A 222 17.56 4.20 25.23
CA LEU A 222 16.45 4.90 24.54
C LEU A 222 17.02 6.16 23.89
N LYS A 223 17.13 6.20 22.56
CA LYS A 223 17.76 7.36 21.88
C LYS A 223 16.83 8.55 22.07
N VAL A 224 17.39 9.74 22.28
CA VAL A 224 16.64 11.02 22.47
C VAL A 224 15.62 11.16 21.32
N CYS A 225 16.04 10.91 20.06
CA CYS A 225 15.17 11.09 18.87
C CYS A 225 13.96 10.15 19.00
N PHE A 226 14.16 8.91 19.45
CA PHE A 226 13.05 7.95 19.69
C PHE A 226 12.18 8.40 20.87
N GLY A 227 12.80 8.83 21.96
CA GLY A 227 12.14 9.43 23.13
C GLY A 227 11.14 10.50 22.74
N ILE A 228 11.47 11.34 21.77
CA ILE A 228 10.62 12.48 21.31
C ILE A 228 9.40 11.96 20.54
N GLN A 229 9.61 10.95 19.70
CA GLN A 229 8.54 10.30 18.92
C GLN A 229 7.54 9.65 19.88
N LEU A 230 8.03 8.95 20.90
CA LEU A 230 7.18 8.37 21.98
C LEU A 230 6.38 9.48 22.64
N LEU A 231 6.98 10.66 22.81
CA LEU A 231 6.26 11.82 23.41
C LEU A 231 5.22 12.31 22.41
N ASN A 232 5.55 12.37 21.11
CA ASN A 232 4.54 12.77 20.09
C ASN A 232 3.34 11.78 20.18
N ALA A 233 3.64 10.48 20.24
CA ALA A 233 2.66 9.38 20.30
C ALA A 233 1.72 9.61 21.48
N VAL A 234 2.27 9.75 22.68
CA VAL A 234 1.49 10.07 23.91
C VAL A 234 0.58 11.26 23.61
N SER A 235 1.16 12.38 23.15
CA SER A 235 0.42 13.63 22.88
C SER A 235 -0.73 13.35 21.91
N ARG A 236 -0.46 12.60 20.83
CA ARG A 236 -1.42 12.34 19.73
C ARG A 236 -2.55 11.44 20.24
N VAL A 237 -2.17 10.41 21.00
CA VAL A 237 -3.10 9.42 21.60
C VAL A 237 -4.10 10.18 22.46
N GLU A 238 -3.64 11.18 23.23
CA GLU A 238 -4.50 11.94 24.17
C GLU A 238 -5.48 12.80 23.39
N ARG A 239 -5.06 13.35 22.26
CA ARG A 239 -5.94 14.17 21.38
C ARG A 239 -6.94 13.22 20.71
N ALA A 240 -6.57 11.95 20.50
CA ALA A 240 -7.41 10.95 19.80
C ALA A 240 -8.48 10.34 20.74
N LEU A 241 -8.18 10.22 22.05
CA LEU A 241 -9.03 9.52 23.05
C LEU A 241 -10.46 10.04 22.95
N PRO A 242 -10.71 11.38 23.04
CA PRO A 242 -12.07 11.91 23.02
C PRO A 242 -12.86 11.53 21.76
N LYS A 243 -12.20 10.96 20.75
CA LYS A 243 -12.78 10.75 19.40
C LYS A 243 -13.05 9.26 19.14
N LEU A 244 -12.51 8.35 19.96
CA LEU A 244 -12.66 6.87 19.76
C LEU A 244 -14.10 6.43 20.02
N THR A 245 -14.60 5.50 19.21
CA THR A 245 -15.95 4.90 19.29
C THR A 245 -15.84 3.39 19.21
N VAL A 246 -14.67 2.90 18.83
CA VAL A 246 -14.39 1.46 18.61
C VAL A 246 -14.56 0.72 19.92
N PRO A 247 -15.24 -0.44 19.93
CA PRO A 247 -15.27 -1.30 21.11
C PRO A 247 -13.84 -1.61 21.56
N PHE A 248 -13.57 -1.66 22.86
CA PHE A 248 -12.26 -2.18 23.34
C PHE A 248 -12.37 -2.87 24.70
N LEU A 249 -11.41 -3.80 24.89
CA LEU A 249 -11.01 -4.46 26.15
C LEU A 249 -9.64 -3.92 26.56
N LEU A 250 -9.53 -3.44 27.79
CA LEU A 250 -8.29 -2.78 28.28
C LEU A 250 -7.81 -3.56 29.52
N LEU A 251 -6.64 -4.17 29.45
CA LEU A 251 -6.04 -4.92 30.58
C LEU A 251 -4.84 -4.15 31.11
N GLN A 252 -4.73 -3.97 32.41
CA GLN A 252 -3.70 -3.10 33.01
C GLN A 252 -3.28 -3.66 34.37
N GLY A 253 -1.97 -3.72 34.63
CA GLY A 253 -1.41 -4.01 35.97
C GLY A 253 -1.39 -2.75 36.85
N SER A 254 -1.57 -2.91 38.15
CA SER A 254 -1.64 -1.76 39.10
C SER A 254 -0.21 -1.29 39.43
N ALA A 255 0.77 -2.18 39.34
CA ALA A 255 2.17 -1.92 39.70
C ALA A 255 3.07 -1.90 38.46
N ASP A 256 2.61 -1.25 37.39
CA ASP A 256 3.31 -1.11 36.09
C ASP A 256 4.21 0.14 36.16
N ARG A 257 5.53 -0.01 36.05
CA ARG A 257 6.43 1.18 36.17
C ARG A 257 6.76 1.75 34.77
N LEU A 258 6.27 1.13 33.69
CA LEU A 258 6.59 1.51 32.29
C LEU A 258 5.45 2.30 31.65
N CYS A 259 4.20 1.85 31.82
CA CYS A 259 2.96 2.55 31.41
C CYS A 259 2.06 2.66 32.64
N ASP A 260 1.93 3.88 33.19
CA ASP A 260 1.21 4.12 34.47
C ASP A 260 -0.25 3.72 34.30
N SER A 261 -0.75 2.87 35.19
CA SER A 261 -2.18 2.51 35.38
C SER A 261 -3.10 3.72 35.13
N LYS A 262 -2.73 4.92 35.56
CA LYS A 262 -3.61 6.11 35.41
C LYS A 262 -4.02 6.28 33.94
N GLY A 263 -3.15 5.87 33.03
CA GLY A 263 -3.43 5.98 31.59
C GLY A 263 -4.62 5.15 31.20
N ALA A 264 -4.77 3.96 31.75
CA ALA A 264 -5.92 3.07 31.43
C ALA A 264 -7.22 3.67 31.98
N TYR A 265 -7.18 4.25 33.19
CA TYR A 265 -8.32 4.97 33.82
C TYR A 265 -8.72 6.12 32.89
N LEU A 266 -7.74 6.84 32.36
CA LEU A 266 -7.96 8.04 31.48
C LEU A 266 -8.60 7.61 30.16
N LEU A 267 -8.16 6.51 29.59
CA LEU A 267 -8.76 5.95 28.34
C LEU A 267 -10.22 5.50 28.59
N MET A 268 -10.52 4.91 29.73
CA MET A 268 -11.92 4.57 30.09
C MET A 268 -12.75 5.85 30.28
N GLU A 269 -12.18 6.94 30.83
CA GLU A 269 -12.89 8.22 31.04
C GLU A 269 -13.22 8.88 29.69
N LEU A 270 -12.25 8.99 28.77
CA LEU A 270 -12.37 9.92 27.60
C LEU A 270 -12.93 9.22 26.36
N ALA A 271 -12.72 7.91 26.18
CA ALA A 271 -13.19 7.19 24.99
C ALA A 271 -14.71 7.29 24.91
N LYS A 272 -15.26 7.55 23.73
CA LYS A 272 -16.74 7.69 23.56
C LYS A 272 -17.35 6.31 23.27
N SER A 273 -16.52 5.27 23.07
CA SER A 273 -16.94 3.88 22.76
C SER A 273 -18.10 3.44 23.66
N GLN A 274 -19.16 2.88 23.07
CA GLN A 274 -20.39 2.47 23.82
C GLN A 274 -20.08 1.11 24.47
N ASP A 275 -18.96 0.49 24.07
CA ASP A 275 -18.59 -0.89 24.49
C ASP A 275 -17.13 -0.87 24.95
N LYS A 276 -16.90 -0.58 26.22
CA LYS A 276 -15.53 -0.51 26.80
C LYS A 276 -15.49 -1.18 28.17
N THR A 277 -14.45 -1.99 28.38
CA THR A 277 -14.23 -2.81 29.60
C THR A 277 -12.80 -2.62 30.09
N LEU A 278 -12.62 -2.42 31.40
CA LEU A 278 -11.31 -2.40 32.08
C LEU A 278 -11.26 -3.58 33.05
N LYS A 279 -10.17 -4.33 32.97
CA LYS A 279 -9.82 -5.34 33.99
C LYS A 279 -8.45 -4.92 34.53
N ILE A 280 -8.36 -4.74 35.85
CA ILE A 280 -7.11 -4.41 36.59
C ILE A 280 -6.61 -5.67 37.30
N TYR A 281 -5.31 -5.96 37.12
CA TYR A 281 -4.56 -7.08 37.73
C TYR A 281 -3.72 -6.49 38.86
N GLU A 282 -4.17 -6.65 40.10
CA GLU A 282 -3.50 -6.06 41.30
C GLU A 282 -2.09 -6.65 41.48
N GLY A 283 -1.09 -5.76 41.67
CA GLY A 283 0.33 -6.10 41.90
C GLY A 283 1.13 -6.36 40.61
N ALA A 284 0.46 -6.59 39.46
CA ALA A 284 1.09 -7.08 38.20
C ALA A 284 1.88 -5.96 37.52
N TYR A 285 2.94 -6.36 36.83
CA TYR A 285 3.87 -5.48 36.08
C TYR A 285 3.25 -5.22 34.70
N HIS A 286 4.08 -4.91 33.70
CA HIS A 286 3.68 -4.30 32.42
C HIS A 286 3.17 -5.37 31.45
N VAL A 287 3.88 -6.49 31.36
CA VAL A 287 3.67 -7.49 30.27
C VAL A 287 2.76 -8.59 30.82
N LEU A 288 1.46 -8.30 30.86
CA LEU A 288 0.42 -9.14 31.51
C LEU A 288 0.30 -10.49 30.81
N HIS A 289 0.65 -10.56 29.53
CA HIS A 289 0.58 -11.81 28.73
C HIS A 289 1.86 -12.65 28.96
N LYS A 290 2.75 -12.18 29.83
CA LYS A 290 4.02 -12.87 30.15
C LYS A 290 4.30 -12.64 31.63
N GLU A 291 3.26 -12.72 32.44
CA GLU A 291 3.31 -12.41 33.88
C GLU A 291 3.31 -13.74 34.64
N LEU A 292 3.10 -13.71 35.95
CA LEU A 292 2.79 -14.93 36.75
C LEU A 292 1.63 -15.63 36.06
N PRO A 293 1.62 -16.99 35.97
CA PRO A 293 0.62 -17.71 35.20
C PRO A 293 -0.84 -17.49 35.62
N GLU A 294 -1.13 -17.20 36.89
CA GLU A 294 -2.53 -16.90 37.32
C GLU A 294 -3.03 -15.72 36.49
N VAL A 295 -2.16 -14.72 36.28
CA VAL A 295 -2.44 -13.47 35.50
C VAL A 295 -2.50 -13.81 34.01
N THR A 296 -1.51 -14.50 33.47
CA THR A 296 -1.41 -14.75 32.03
C THR A 296 -2.60 -15.61 31.61
N ASN A 297 -2.92 -16.65 32.38
CA ASN A 297 -4.05 -17.56 32.05
C ASN A 297 -5.35 -16.73 32.05
N SER A 298 -5.46 -15.75 32.96
CA SER A 298 -6.63 -14.85 33.05
C SER A 298 -6.70 -13.94 31.81
N VAL A 299 -5.59 -13.25 31.54
CA VAL A 299 -5.35 -12.42 30.32
C VAL A 299 -5.83 -13.22 29.10
N PHE A 300 -5.29 -14.41 28.89
CA PHE A 300 -5.61 -15.23 27.69
C PHE A 300 -7.13 -15.50 27.68
N HIS A 301 -7.70 -15.91 28.81
CA HIS A 301 -9.15 -16.28 28.93
C HIS A 301 -10.02 -15.06 28.59
N GLU A 302 -9.72 -13.88 29.17
CA GLU A 302 -10.52 -12.65 28.95
C GLU A 302 -10.43 -12.25 27.47
N ILE A 303 -9.25 -12.26 26.87
CA ILE A 303 -9.14 -11.84 25.45
C ILE A 303 -10.02 -12.79 24.64
N ASN A 304 -9.87 -14.09 24.94
CA ASN A 304 -10.57 -15.20 24.25
C ASN A 304 -12.09 -14.96 24.32
N MET A 305 -12.65 -14.78 25.53
CA MET A 305 -14.13 -14.57 25.71
C MET A 305 -14.56 -13.30 24.98
N TRP A 306 -13.78 -12.20 25.06
CA TRP A 306 -14.19 -10.87 24.53
C TRP A 306 -14.20 -10.90 22.99
N VAL A 307 -13.25 -11.61 22.37
CA VAL A 307 -13.17 -11.75 20.90
C VAL A 307 -14.22 -12.75 20.42
N SER A 308 -14.41 -13.86 21.12
CA SER A 308 -15.44 -14.88 20.78
C SER A 308 -16.81 -14.19 20.74
N GLN A 309 -17.17 -13.50 21.82
CA GLN A 309 -18.51 -12.87 21.95
C GLN A 309 -18.70 -11.88 20.79
N ARG A 310 -17.64 -11.41 20.14
CA ARG A 310 -17.80 -10.28 19.18
C ARG A 310 -17.51 -10.75 17.75
N THR A 311 -17.30 -12.06 17.56
CA THR A 311 -17.13 -12.75 16.24
C THR A 311 -18.27 -13.77 16.03
N ALA A 312 -18.67 -14.49 17.09
CA ALA A 312 -19.87 -15.38 17.15
C ALA A 312 -21.13 -14.61 16.73
N PRO B 24 -22.90 7.66 2.47
CA PRO B 24 -21.59 8.25 2.08
C PRO B 24 -20.73 7.33 1.17
N ARG B 25 -20.66 7.63 -0.15
CA ARG B 25 -19.88 6.83 -1.16
C ARG B 25 -18.43 6.70 -0.69
N ARG B 26 -17.95 5.47 -0.58
CA ARG B 26 -16.55 5.16 -0.16
C ARG B 26 -15.83 4.48 -1.35
N THR B 27 -14.54 4.77 -1.49
CA THR B 27 -13.60 3.97 -2.32
C THR B 27 -13.81 2.50 -1.95
N PRO B 28 -13.43 1.55 -2.82
CA PRO B 28 -13.40 0.15 -2.41
C PRO B 28 -12.47 -0.15 -1.21
N GLN B 29 -11.62 0.80 -0.78
CA GLN B 29 -10.74 0.66 0.42
C GLN B 29 -11.46 1.27 1.65
N SER B 30 -12.75 1.63 1.47
CA SER B 30 -13.73 2.05 2.52
C SER B 30 -13.41 3.46 3.02
N ILE B 31 -12.70 4.26 2.21
CA ILE B 31 -12.39 5.70 2.48
C ILE B 31 -13.37 6.55 1.66
N PRO B 32 -13.94 7.67 2.21
CA PRO B 32 -14.99 8.42 1.52
C PRO B 32 -14.44 9.29 0.38
N TYR B 33 -15.26 9.51 -0.65
CA TYR B 33 -14.91 10.21 -1.91
C TYR B 33 -14.92 11.73 -1.69
N GLN B 34 -15.71 12.22 -0.76
CA GLN B 34 -15.89 13.69 -0.54
C GLN B 34 -14.54 14.28 -0.11
N ASP B 35 -13.66 13.48 0.51
CA ASP B 35 -12.33 13.93 1.04
C ASP B 35 -11.22 13.79 -0.04
N LEU B 36 -11.52 13.22 -1.20
CA LEU B 36 -10.51 12.85 -2.25
C LEU B 36 -10.85 13.55 -3.57
N PRO B 37 -9.84 14.00 -4.34
CA PRO B 37 -10.09 14.53 -5.67
C PRO B 37 -10.74 13.42 -6.50
N HIS B 38 -11.77 13.72 -7.30
CA HIS B 38 -12.50 12.70 -8.10
C HIS B 38 -13.31 13.33 -9.22
N LEU B 39 -13.92 12.50 -10.07
CA LEU B 39 -14.93 12.94 -11.06
C LEU B 39 -15.89 11.76 -11.25
N VAL B 40 -16.99 12.00 -11.96
CA VAL B 40 -18.11 11.04 -12.19
C VAL B 40 -18.24 10.79 -13.69
N ASN B 41 -18.14 9.53 -14.11
CA ASN B 41 -18.12 9.11 -15.54
C ASN B 41 -19.54 8.99 -16.06
N ALA B 42 -19.68 8.73 -17.36
CA ALA B 42 -20.97 8.68 -18.08
C ALA B 42 -21.90 7.67 -17.41
N ASP B 43 -21.34 6.59 -16.85
CA ASP B 43 -22.09 5.52 -16.13
C ASP B 43 -22.24 5.84 -14.63
N GLY B 44 -22.00 7.09 -14.21
CA GLY B 44 -22.18 7.55 -12.82
C GLY B 44 -21.22 6.92 -11.80
N GLN B 45 -20.10 6.32 -12.23
CA GLN B 45 -19.09 5.73 -11.31
C GLN B 45 -18.10 6.84 -10.90
N TYR B 46 -17.63 6.82 -9.64
CA TYR B 46 -16.61 7.73 -9.07
C TYR B 46 -15.21 7.20 -9.42
N LEU B 47 -14.42 8.05 -10.09
CA LEU B 47 -12.99 7.79 -10.46
C LEU B 47 -12.09 8.66 -9.58
N PHE B 48 -11.19 8.05 -8.83
CA PHE B 48 -10.20 8.77 -7.99
C PHE B 48 -9.25 9.47 -8.96
N CYS B 49 -9.07 10.77 -8.77
CA CYS B 49 -8.18 11.65 -9.57
C CYS B 49 -6.97 12.10 -8.76
N ARG B 50 -5.87 12.34 -9.46
CA ARG B 50 -4.56 12.74 -8.92
C ARG B 50 -4.02 13.89 -9.75
N TYR B 51 -3.33 14.83 -9.11
CA TYR B 51 -2.86 16.09 -9.72
C TYR B 51 -1.45 16.39 -9.23
N TRP B 52 -0.65 16.91 -10.17
CA TRP B 52 0.69 17.45 -9.90
C TRP B 52 0.83 18.73 -10.74
N ALA B 53 0.50 19.88 -10.17
CA ALA B 53 0.50 21.19 -10.86
C ALA B 53 1.74 21.96 -10.45
N PRO B 54 2.38 22.68 -11.40
CA PRO B 54 3.41 23.65 -11.05
C PRO B 54 2.75 25.00 -10.74
N THR B 55 3.57 26.01 -10.41
CA THR B 55 3.15 27.41 -10.08
C THR B 55 2.66 28.11 -11.36
N GLY B 56 1.35 28.38 -11.41
CA GLY B 56 0.68 29.18 -12.46
C GLY B 56 0.83 28.55 -13.84
N THR B 57 0.50 29.32 -14.89
CA THR B 57 0.39 28.87 -16.30
C THR B 57 1.47 27.83 -16.61
N PRO B 58 1.09 26.55 -16.81
CA PRO B 58 2.02 25.52 -17.25
C PRO B 58 2.17 25.56 -18.78
N LYS B 59 3.25 24.98 -19.33
CA LYS B 59 3.54 25.02 -20.79
C LYS B 59 2.52 24.16 -21.51
N ALA B 60 2.00 23.13 -20.83
CA ALA B 60 1.17 22.06 -21.43
C ALA B 60 0.60 21.15 -20.35
N LEU B 61 -0.44 20.39 -20.73
CA LEU B 61 -1.05 19.33 -19.89
C LEU B 61 -0.54 17.96 -20.34
N ILE B 62 -0.45 17.02 -19.42
CA ILE B 62 -0.20 15.59 -19.76
C ILE B 62 -1.04 14.69 -18.85
N PHE B 63 -1.82 13.80 -19.44
CA PHE B 63 -2.58 12.74 -18.74
C PHE B 63 -1.74 11.47 -18.66
N VAL B 64 -1.62 10.89 -17.46
CA VAL B 64 -0.95 9.58 -17.22
C VAL B 64 -2.02 8.48 -17.16
N SER B 65 -1.86 7.43 -17.98
CA SER B 65 -2.76 6.27 -18.13
C SER B 65 -2.05 5.00 -17.62
N HIS B 66 -2.47 4.48 -16.47
CA HIS B 66 -1.89 3.30 -15.82
C HIS B 66 -2.34 2.00 -16.49
N GLY B 67 -1.74 0.89 -16.11
CA GLY B 67 -2.03 -0.42 -16.73
C GLY B 67 -2.96 -1.28 -15.91
N ALA B 68 -3.09 -2.54 -16.33
CA ALA B 68 -4.06 -3.49 -15.77
C ALA B 68 -3.66 -3.84 -14.33
N GLY B 69 -4.62 -3.74 -13.41
CA GLY B 69 -4.47 -4.13 -12.00
C GLY B 69 -3.63 -3.16 -11.20
N GLU B 70 -3.18 -2.05 -11.79
CA GLU B 70 -2.39 -1.06 -11.04
C GLU B 70 -3.22 0.21 -10.93
N HIS B 71 -2.59 1.37 -10.71
CA HIS B 71 -3.33 2.63 -10.43
C HIS B 71 -2.41 3.82 -10.59
N SER B 72 -2.98 5.03 -10.61
CA SER B 72 -2.26 6.31 -10.88
C SER B 72 -1.08 6.54 -9.92
N GLY B 73 -1.12 6.02 -8.69
CA GLY B 73 -0.14 6.32 -7.63
C GLY B 73 1.25 5.80 -7.94
N ARG B 74 1.37 4.77 -8.78
CA ARG B 74 2.69 4.20 -9.18
C ARG B 74 3.44 5.15 -10.11
N TYR B 75 2.87 6.31 -10.49
CA TYR B 75 3.40 7.29 -11.48
C TYR B 75 3.87 8.55 -10.75
N GLU B 76 4.07 8.43 -9.42
CA GLU B 76 4.47 9.56 -8.55
C GLU B 76 5.75 10.18 -9.11
N GLU B 77 6.84 9.39 -9.19
CA GLU B 77 8.17 9.91 -9.61
C GLU B 77 8.12 10.46 -11.04
N LEU B 78 7.51 9.76 -12.00
CA LEU B 78 7.37 10.27 -13.40
C LEU B 78 6.65 11.63 -13.40
N ALA B 79 5.57 11.76 -12.64
CA ALA B 79 4.74 12.99 -12.55
C ALA B 79 5.52 14.15 -11.95
N ARG B 80 6.28 13.90 -10.87
CA ARG B 80 7.17 14.90 -10.22
C ARG B 80 8.13 15.47 -11.29
N MET B 81 8.86 14.57 -11.95
CA MET B 81 9.82 14.89 -13.04
C MET B 81 9.11 15.74 -14.11
N LEU B 82 7.89 15.36 -14.52
CA LEU B 82 7.11 16.09 -15.56
C LEU B 82 6.59 17.42 -15.02
N MET B 83 6.19 17.51 -13.74
CA MET B 83 5.81 18.79 -13.09
C MET B 83 7.02 19.74 -13.11
N GLY B 84 8.22 19.18 -12.88
CA GLY B 84 9.53 19.88 -12.90
C GLY B 84 9.81 20.57 -14.22
N LEU B 85 9.11 20.18 -15.29
CA LEU B 85 9.22 20.78 -16.66
C LEU B 85 8.08 21.80 -16.92
N ASP B 86 7.33 22.21 -15.87
CA ASP B 86 6.21 23.20 -15.92
C ASP B 86 5.05 22.65 -16.75
N LEU B 87 4.87 21.32 -16.78
CA LEU B 87 3.64 20.64 -17.27
C LEU B 87 2.72 20.34 -16.08
N LEU B 88 1.42 20.40 -16.31
CA LEU B 88 0.40 19.94 -15.34
C LEU B 88 0.03 18.49 -15.66
N VAL B 89 0.38 17.60 -14.73
CA VAL B 89 0.16 16.13 -14.83
C VAL B 89 -1.18 15.80 -14.16
N PHE B 90 -2.10 15.23 -14.92
CA PHE B 90 -3.36 14.70 -14.37
C PHE B 90 -3.51 13.23 -14.76
N ALA B 91 -4.26 12.53 -13.92
CA ALA B 91 -4.49 11.08 -13.99
C ALA B 91 -5.79 10.78 -13.27
N HIS B 92 -6.40 9.67 -13.64
CA HIS B 92 -7.40 9.01 -12.78
C HIS B 92 -7.13 7.52 -12.84
N ASP B 93 -7.65 6.80 -11.85
CA ASP B 93 -7.65 5.33 -11.80
C ASP B 93 -8.81 4.90 -12.69
N HIS B 94 -8.56 4.05 -13.69
CA HIS B 94 -9.62 3.49 -14.56
C HIS B 94 -10.69 2.77 -13.72
N VAL B 95 -11.92 2.66 -14.24
CA VAL B 95 -12.98 1.87 -13.57
C VAL B 95 -12.38 0.50 -13.26
N GLY B 96 -12.70 -0.03 -12.08
CA GLY B 96 -12.30 -1.39 -11.65
C GLY B 96 -10.90 -1.43 -11.06
N HIS B 97 -10.29 -0.27 -10.83
CA HIS B 97 -8.86 -0.16 -10.44
C HIS B 97 -8.68 0.84 -9.30
N GLY B 98 -7.63 0.63 -8.50
CA GLY B 98 -7.17 1.60 -7.49
C GLY B 98 -8.32 2.08 -6.61
N GLN B 99 -8.51 3.38 -6.52
CA GLN B 99 -9.40 4.03 -5.54
C GLN B 99 -10.69 4.46 -6.25
N SER B 100 -10.94 3.90 -7.43
CA SER B 100 -12.14 4.16 -8.28
C SER B 100 -13.10 3.00 -8.13
N GLU B 101 -14.37 3.19 -8.52
CA GLU B 101 -15.40 2.15 -8.35
C GLU B 101 -15.38 1.18 -9.53
N GLY B 102 -16.13 0.09 -9.35
CA GLY B 102 -16.29 -1.03 -10.29
C GLY B 102 -15.80 -2.31 -9.64
N GLU B 103 -16.39 -3.44 -10.01
CA GLU B 103 -15.78 -4.78 -9.80
C GLU B 103 -14.33 -4.67 -10.32
N ARG B 104 -13.36 -5.24 -9.60
CA ARG B 104 -11.91 -5.20 -9.92
C ARG B 104 -11.61 -5.84 -11.26
N MET B 105 -10.88 -5.14 -12.13
CA MET B 105 -10.29 -5.71 -13.37
C MET B 105 -11.39 -6.37 -14.21
N VAL B 106 -12.44 -5.60 -14.44
CA VAL B 106 -13.63 -5.99 -15.24
C VAL B 106 -14.11 -4.71 -15.91
N VAL B 107 -14.56 -4.78 -17.15
CA VAL B 107 -15.14 -3.58 -17.79
C VAL B 107 -16.16 -4.04 -18.83
N SER B 108 -17.25 -3.29 -18.95
CA SER B 108 -18.40 -3.63 -19.82
C SER B 108 -17.86 -3.74 -21.24
N ASP B 109 -17.20 -2.68 -21.73
CA ASP B 109 -16.46 -2.63 -23.01
C ASP B 109 -15.19 -1.78 -22.79
N PHE B 110 -14.06 -2.25 -23.36
CA PHE B 110 -12.74 -1.58 -23.23
C PHE B 110 -12.87 -0.10 -23.50
N HIS B 111 -13.84 0.32 -24.33
CA HIS B 111 -13.97 1.74 -24.75
C HIS B 111 -14.32 2.62 -23.54
N VAL B 112 -14.88 2.05 -22.47
CA VAL B 112 -15.16 2.83 -21.24
C VAL B 112 -13.89 3.61 -20.84
N PHE B 113 -12.75 2.91 -20.77
CA PHE B 113 -11.42 3.49 -20.39
C PHE B 113 -11.09 4.72 -21.24
N VAL B 114 -11.34 4.64 -22.55
CA VAL B 114 -10.99 5.71 -23.53
C VAL B 114 -11.93 6.89 -23.29
N ARG B 115 -13.23 6.62 -23.31
CA ARG B 115 -14.28 7.66 -23.06
C ARG B 115 -13.93 8.39 -21.77
N ASP B 116 -13.57 7.66 -20.69
CA ASP B 116 -13.28 8.26 -19.36
C ASP B 116 -12.03 9.14 -19.45
N VAL B 117 -10.99 8.72 -20.16
CA VAL B 117 -9.78 9.56 -20.37
C VAL B 117 -10.23 10.83 -21.11
N LEU B 118 -11.01 10.70 -22.18
CA LEU B 118 -11.52 11.84 -23.01
C LEU B 118 -12.38 12.81 -22.18
N GLN B 119 -13.27 12.31 -21.32
CA GLN B 119 -14.00 13.14 -20.32
C GLN B 119 -12.98 13.98 -19.54
N HIS B 120 -11.99 13.33 -18.92
CA HIS B 120 -11.05 13.99 -17.99
C HIS B 120 -10.22 14.98 -18.80
N VAL B 121 -9.89 14.64 -20.06
CA VAL B 121 -9.06 15.51 -20.94
C VAL B 121 -9.86 16.78 -21.26
N ASP B 122 -11.09 16.66 -21.76
CA ASP B 122 -11.95 17.81 -22.17
C ASP B 122 -12.24 18.72 -20.97
N SER B 123 -12.39 18.14 -19.79
CA SER B 123 -12.62 18.88 -18.52
C SER B 123 -11.41 19.77 -18.24
N MET B 124 -10.17 19.25 -18.37
CA MET B 124 -8.93 20.04 -18.10
C MET B 124 -8.68 21.12 -19.18
N GLN B 125 -9.01 20.85 -20.44
CA GLN B 125 -8.83 21.82 -21.57
C GLN B 125 -9.69 23.07 -21.30
N LYS B 126 -10.93 22.90 -20.85
CA LYS B 126 -11.82 24.08 -20.60
C LYS B 126 -11.10 24.99 -19.60
N ASP B 127 -10.57 24.41 -18.50
CA ASP B 127 -9.85 25.13 -17.41
C ASP B 127 -8.57 25.76 -17.95
N TYR B 128 -7.79 25.06 -18.79
CA TYR B 128 -6.49 25.57 -19.32
C TYR B 128 -6.54 25.57 -20.84
N PRO B 129 -7.33 26.47 -21.45
CA PRO B 129 -7.60 26.41 -22.90
C PRO B 129 -6.42 26.94 -23.71
N GLY B 130 -6.35 26.58 -25.00
CA GLY B 130 -5.23 26.95 -25.88
C GLY B 130 -3.99 26.09 -25.63
N LEU B 131 -3.75 25.62 -24.40
CA LEU B 131 -2.60 24.74 -24.04
C LEU B 131 -2.66 23.45 -24.84
N PRO B 132 -1.49 22.89 -25.24
CA PRO B 132 -1.45 21.57 -25.85
C PRO B 132 -1.47 20.47 -24.77
N VAL B 133 -1.99 19.30 -25.13
CA VAL B 133 -2.13 18.16 -24.18
C VAL B 133 -1.43 16.91 -24.76
N PHE B 134 -0.67 16.27 -23.89
CA PHE B 134 0.06 15.00 -24.13
C PHE B 134 -0.63 13.87 -23.37
N LEU B 135 -0.29 12.67 -23.77
CA LEU B 135 -0.66 11.40 -23.11
C LEU B 135 0.63 10.64 -22.80
N LEU B 136 0.71 10.07 -21.60
CA LEU B 136 1.73 9.05 -21.24
C LEU B 136 0.97 7.79 -20.79
N GLY B 137 1.21 6.67 -21.46
CA GLY B 137 0.61 5.36 -21.13
C GLY B 137 1.65 4.27 -21.03
N HIS B 138 1.44 3.32 -20.14
CA HIS B 138 2.20 2.05 -19.99
C HIS B 138 1.24 0.88 -20.15
N SER B 139 1.59 -0.07 -21.02
CA SER B 139 0.95 -1.40 -21.14
C SER B 139 -0.52 -1.18 -21.54
N MET B 140 -1.50 -1.66 -20.75
CA MET B 140 -2.94 -1.47 -21.06
C MET B 140 -3.19 0.03 -21.24
N GLY B 141 -2.49 0.83 -20.45
CA GLY B 141 -2.66 2.30 -20.47
C GLY B 141 -2.14 2.90 -21.76
N GLY B 142 -1.14 2.23 -22.38
CA GLY B 142 -0.60 2.57 -23.71
C GLY B 142 -1.62 2.29 -24.79
N ALA B 143 -2.25 1.13 -24.73
CA ALA B 143 -3.41 0.82 -25.59
C ALA B 143 -4.46 1.92 -25.43
N ILE B 144 -4.80 2.29 -24.19
CA ILE B 144 -5.86 3.31 -23.95
C ILE B 144 -5.40 4.63 -24.59
N ALA B 145 -4.11 4.98 -24.43
CA ALA B 145 -3.50 6.21 -24.97
C ALA B 145 -3.60 6.23 -26.50
N ILE B 146 -3.27 5.11 -27.16
CA ILE B 146 -3.32 5.00 -28.65
C ILE B 146 -4.77 5.20 -29.11
N LEU B 147 -5.73 4.50 -28.50
CA LEU B 147 -7.18 4.60 -28.87
C LEU B 147 -7.69 6.03 -28.62
N THR B 148 -7.23 6.66 -27.54
CA THR B 148 -7.60 8.05 -27.16
C THR B 148 -7.19 9.01 -28.29
N ALA B 149 -5.96 8.90 -28.80
CA ALA B 149 -5.41 9.77 -29.87
C ALA B 149 -6.06 9.45 -31.22
N ALA B 150 -6.37 8.17 -31.48
CA ALA B 150 -6.97 7.71 -32.76
C ALA B 150 -8.36 8.32 -32.94
N GLU B 151 -9.04 8.64 -31.83
CA GLU B 151 -10.45 9.13 -31.79
C GLU B 151 -10.48 10.66 -31.77
N ARG B 152 -9.33 11.32 -31.61
CA ARG B 152 -9.15 12.79 -31.76
C ARG B 152 -7.97 13.06 -32.71
N PRO B 153 -8.02 12.56 -33.96
CA PRO B 153 -6.86 12.60 -34.86
C PRO B 153 -6.51 14.07 -35.04
N GLY B 154 -5.28 14.46 -34.69
CA GLY B 154 -4.76 15.83 -34.85
C GLY B 154 -4.82 16.64 -33.58
N HIS B 155 -5.63 16.22 -32.59
CA HIS B 155 -5.88 16.99 -31.33
C HIS B 155 -4.65 16.96 -30.40
N PHE B 156 -3.98 15.81 -30.23
CA PHE B 156 -2.95 15.61 -29.19
C PHE B 156 -1.55 15.97 -29.72
N ALA B 157 -0.72 16.57 -28.87
CA ALA B 157 0.58 17.14 -29.26
C ALA B 157 1.63 16.03 -29.31
N GLY B 158 1.54 15.08 -28.39
CA GLY B 158 2.51 13.99 -28.24
C GLY B 158 1.95 12.86 -27.41
N MET B 159 2.54 11.68 -27.54
CA MET B 159 2.17 10.47 -26.80
C MET B 159 3.46 9.79 -26.37
N VAL B 160 3.56 9.42 -25.10
CA VAL B 160 4.73 8.66 -24.55
C VAL B 160 4.26 7.26 -24.16
N LEU B 161 4.77 6.24 -24.84
CA LEU B 161 4.33 4.85 -24.67
C LEU B 161 5.45 4.05 -24.03
N ILE B 162 5.22 3.51 -22.84
CA ILE B 162 6.15 2.55 -22.19
C ILE B 162 5.54 1.15 -22.28
N SER B 163 6.21 0.26 -23.02
CA SER B 163 5.77 -1.13 -23.35
C SER B 163 4.25 -1.18 -23.49
N PRO B 164 3.67 -0.48 -24.48
CA PRO B 164 2.24 -0.45 -24.64
C PRO B 164 1.72 -1.80 -25.11
N LEU B 165 0.45 -2.10 -24.78
CA LEU B 165 -0.27 -3.31 -25.22
C LEU B 165 -0.72 -3.08 -26.66
N VAL B 166 -0.16 -3.85 -27.58
CA VAL B 166 -0.32 -3.63 -29.05
C VAL B 166 -0.73 -4.93 -29.72
N LEU B 167 -0.29 -6.10 -29.23
CA LEU B 167 -0.70 -7.40 -29.82
C LEU B 167 -0.58 -8.52 -28.77
N ALA B 168 -1.39 -9.57 -28.92
CA ALA B 168 -1.63 -10.59 -27.87
C ALA B 168 -0.49 -11.61 -27.90
N ASN B 169 -0.32 -12.32 -26.77
CA ASN B 169 0.65 -13.45 -26.57
C ASN B 169 0.63 -14.36 -27.79
N PRO B 170 1.80 -14.83 -28.27
CA PRO B 170 1.99 -15.13 -29.69
C PRO B 170 0.87 -15.99 -30.28
N GLU B 171 0.61 -17.15 -29.66
CA GLU B 171 -0.29 -18.24 -30.17
C GLU B 171 -1.63 -18.24 -29.40
N SER B 172 -1.72 -17.48 -28.31
CA SER B 172 -2.95 -17.31 -27.49
C SER B 172 -3.92 -16.31 -28.15
N ALA B 173 -3.94 -16.24 -29.49
CA ALA B 173 -4.99 -15.55 -30.29
C ALA B 173 -5.37 -16.42 -31.50
N THR B 174 -5.16 -17.74 -31.41
CA THR B 174 -5.53 -18.74 -32.45
C THR B 174 -7.06 -18.80 -32.56
N THR B 175 -7.60 -18.84 -33.79
CA THR B 175 -9.07 -18.98 -34.05
C THR B 175 -9.69 -19.82 -32.92
N PHE B 176 -9.02 -20.93 -32.55
CA PHE B 176 -9.43 -21.88 -31.49
C PHE B 176 -9.51 -21.16 -30.13
N LYS B 177 -8.40 -20.61 -29.64
CA LYS B 177 -8.31 -20.12 -28.24
C LYS B 177 -9.16 -18.85 -28.06
N VAL B 178 -9.52 -18.15 -29.14
CA VAL B 178 -10.41 -16.95 -29.07
C VAL B 178 -11.86 -17.46 -29.03
N LEU B 179 -12.21 -18.40 -29.89
CA LEU B 179 -13.55 -19.04 -29.85
C LEU B 179 -13.76 -19.61 -28.44
N ALA B 180 -12.80 -20.39 -27.93
CA ALA B 180 -12.85 -21.01 -26.59
C ALA B 180 -13.12 -19.94 -25.54
N ALA B 181 -12.44 -18.81 -25.61
CA ALA B 181 -12.58 -17.73 -24.61
C ALA B 181 -14.01 -17.20 -24.65
N LYS B 182 -14.56 -16.95 -25.83
CA LYS B 182 -15.94 -16.41 -26.00
C LYS B 182 -16.97 -17.42 -25.46
N VAL B 183 -16.80 -18.72 -25.70
CA VAL B 183 -17.71 -19.77 -25.17
C VAL B 183 -17.62 -19.73 -23.65
N LEU B 184 -16.41 -19.68 -23.09
CA LEU B 184 -16.22 -19.63 -21.62
C LEU B 184 -16.89 -18.39 -21.05
N ASN B 185 -16.73 -17.25 -21.71
CA ASN B 185 -17.23 -15.93 -21.24
C ASN B 185 -18.77 -15.91 -21.11
N SER B 186 -19.47 -16.58 -22.02
CA SER B 186 -20.96 -16.60 -22.10
C SER B 186 -21.55 -17.50 -21.00
N VAL B 187 -20.72 -18.26 -20.30
CA VAL B 187 -21.12 -19.30 -19.32
C VAL B 187 -20.53 -18.94 -17.95
N LEU B 188 -19.22 -18.63 -17.92
CA LEU B 188 -18.42 -18.33 -16.70
C LEU B 188 -17.53 -17.10 -16.89
N PRO B 189 -18.13 -15.89 -17.02
CA PRO B 189 -17.35 -14.66 -17.22
C PRO B 189 -16.19 -14.44 -16.24
N ASN B 190 -16.32 -14.94 -15.00
CA ASN B 190 -15.39 -14.66 -13.87
C ASN B 190 -14.38 -15.81 -13.66
N LEU B 191 -14.41 -16.84 -14.51
CA LEU B 191 -13.40 -17.92 -14.47
C LEU B 191 -12.01 -17.28 -14.61
N SER B 192 -11.08 -17.60 -13.70
CA SER B 192 -9.75 -16.93 -13.57
C SER B 192 -8.61 -17.82 -14.10
N SER B 193 -7.51 -17.20 -14.59
CA SER B 193 -6.21 -17.84 -14.92
C SER B 193 -5.31 -17.81 -13.69
N GLY B 194 -4.02 -18.11 -13.86
CA GLY B 194 -2.96 -17.80 -12.87
C GLY B 194 -3.02 -16.33 -12.48
N PRO B 195 -2.42 -15.94 -11.32
CA PRO B 195 -2.26 -14.52 -10.96
C PRO B 195 -1.54 -13.64 -12.00
N ASP B 197 1.85 -14.11 -12.31
CA ASP B 197 3.32 -14.22 -12.07
C ASP B 197 4.00 -12.86 -12.28
N SER B 198 4.56 -12.31 -11.19
CA SER B 198 4.92 -10.87 -11.06
C SER B 198 6.42 -10.65 -11.26
N SER B 199 7.20 -11.73 -11.24
CA SER B 199 8.69 -11.72 -11.36
C SER B 199 9.11 -11.22 -12.74
N VAL B 200 8.22 -11.30 -13.73
CA VAL B 200 8.47 -10.91 -15.15
C VAL B 200 8.22 -9.42 -15.31
N LEU B 201 7.82 -8.71 -14.26
CA LEU B 201 7.47 -7.27 -14.36
C LEU B 201 8.76 -6.45 -14.51
N SER B 202 9.82 -6.84 -13.81
CA SER B 202 11.04 -6.03 -13.64
C SER B 202 12.15 -6.88 -13.04
N ARG B 203 13.39 -6.69 -13.52
CA ARG B 203 14.58 -7.42 -13.03
C ARG B 203 14.91 -6.91 -11.62
N ASN B 204 14.41 -5.71 -11.30
CA ASN B 204 14.59 -5.03 -10.01
C ASN B 204 13.66 -5.71 -9.00
N LYS B 205 14.16 -6.60 -8.15
CA LYS B 205 13.31 -7.48 -7.27
C LYS B 205 12.55 -6.66 -6.21
N THR B 206 13.13 -5.55 -5.75
CA THR B 206 12.51 -4.57 -4.84
C THR B 206 11.15 -4.17 -5.42
N GLU B 207 11.14 -3.81 -6.71
CA GLU B 207 9.95 -3.24 -7.40
C GLU B 207 8.92 -4.34 -7.63
N VAL B 208 9.36 -5.60 -7.82
CA VAL B 208 8.45 -6.78 -7.79
C VAL B 208 7.89 -6.92 -6.36
N ASP B 209 8.70 -6.61 -5.34
CA ASP B 209 8.30 -6.77 -3.92
C ASP B 209 7.36 -5.61 -3.55
N ILE B 210 7.55 -4.43 -4.15
CA ILE B 210 6.65 -3.25 -3.96
C ILE B 210 5.30 -3.54 -4.64
N TYR B 211 5.33 -4.10 -5.85
CA TYR B 211 4.09 -4.46 -6.59
C TYR B 211 3.28 -5.44 -5.72
N ASN B 212 3.96 -6.43 -5.14
CA ASN B 212 3.37 -7.61 -4.47
C ASN B 212 2.83 -7.20 -3.07
N SER B 213 3.10 -5.97 -2.60
CA SER B 213 2.68 -5.52 -1.25
C SER B 213 1.85 -4.22 -1.29
N ASP B 214 1.48 -3.73 -2.47
CA ASP B 214 0.69 -2.46 -2.60
C ASP B 214 -0.79 -2.83 -2.52
N PRO B 215 -1.52 -2.34 -1.50
CA PRO B 215 -2.93 -2.70 -1.31
C PRO B 215 -3.87 -2.35 -2.49
N LEU B 216 -3.58 -1.25 -3.19
CA LEU B 216 -4.35 -0.74 -4.36
C LEU B 216 -4.14 -1.60 -5.60
N ILE B 217 -3.19 -2.52 -5.59
CA ILE B 217 -2.97 -3.39 -6.78
C ILE B 217 -3.85 -4.63 -6.69
N CYS B 218 -4.49 -5.00 -7.80
CA CYS B 218 -5.23 -6.27 -7.95
C CYS B 218 -4.31 -7.29 -8.62
N ARG B 219 -3.77 -8.21 -7.83
CA ARG B 219 -2.79 -9.23 -8.34
C ARG B 219 -3.55 -10.53 -8.49
N ALA B 220 -4.87 -10.49 -8.32
CA ALA B 220 -5.79 -11.63 -8.53
C ALA B 220 -5.70 -12.02 -10.01
N GLY B 221 -6.17 -13.22 -10.36
CA GLY B 221 -6.07 -13.73 -11.73
C GLY B 221 -6.93 -12.91 -12.67
N LEU B 222 -6.53 -12.87 -13.93
CA LEU B 222 -7.28 -12.22 -15.04
C LEU B 222 -8.56 -13.02 -15.31
N LYS B 223 -9.72 -12.37 -15.25
CA LYS B 223 -11.02 -12.99 -15.55
C LYS B 223 -11.23 -13.05 -17.06
N VAL B 224 -11.89 -14.11 -17.52
CA VAL B 224 -12.15 -14.36 -18.97
C VAL B 224 -12.81 -13.11 -19.57
N CYS B 225 -13.81 -12.53 -18.91
CA CYS B 225 -14.51 -11.35 -19.51
C CYS B 225 -13.53 -10.20 -19.71
N PHE B 226 -12.53 -10.03 -18.85
CA PHE B 226 -11.51 -8.95 -18.99
C PHE B 226 -10.46 -9.33 -20.05
N GLY B 227 -9.98 -10.57 -20.04
CA GLY B 227 -9.18 -11.17 -21.12
C GLY B 227 -9.76 -10.87 -22.48
N ILE B 228 -11.09 -10.97 -22.66
CA ILE B 228 -11.75 -10.73 -23.97
C ILE B 228 -11.69 -9.25 -24.29
N GLN B 229 -11.77 -8.39 -23.27
CA GLN B 229 -11.76 -6.92 -23.46
C GLN B 229 -10.34 -6.46 -23.79
N LEU B 230 -9.33 -7.20 -23.35
CA LEU B 230 -7.91 -6.94 -23.71
C LEU B 230 -7.67 -7.29 -25.20
N LEU B 231 -8.25 -8.38 -25.70
CA LEU B 231 -8.16 -8.77 -27.13
C LEU B 231 -8.88 -7.72 -27.97
N ASN B 232 -10.03 -7.24 -27.49
CA ASN B 232 -10.78 -6.15 -28.17
C ASN B 232 -9.82 -4.97 -28.30
N ALA B 233 -9.14 -4.61 -27.20
CA ALA B 233 -8.10 -3.54 -27.13
C ALA B 233 -7.03 -3.81 -28.18
N VAL B 234 -6.44 -4.99 -28.17
CA VAL B 234 -5.39 -5.39 -29.14
C VAL B 234 -5.91 -5.17 -30.58
N SER B 235 -7.02 -5.82 -30.96
CA SER B 235 -7.68 -5.67 -32.28
CA SER B 235 -7.65 -5.68 -32.30
C SER B 235 -7.84 -4.20 -32.66
N ARG B 236 -8.36 -3.40 -31.73
CA ARG B 236 -8.70 -1.99 -32.02
C ARG B 236 -7.42 -1.17 -32.22
N VAL B 237 -6.39 -1.43 -31.43
CA VAL B 237 -5.07 -0.77 -31.56
C VAL B 237 -4.53 -1.07 -32.98
N GLU B 238 -4.54 -2.34 -33.41
CA GLU B 238 -4.00 -2.75 -34.74
C GLU B 238 -4.72 -1.95 -35.83
N ARG B 239 -6.05 -1.84 -35.76
CA ARG B 239 -6.86 -1.22 -36.83
C ARG B 239 -6.75 0.30 -36.75
N ALA B 240 -6.34 0.86 -35.62
CA ALA B 240 -6.11 2.32 -35.50
C ALA B 240 -4.68 2.71 -35.96
N LEU B 241 -3.71 1.78 -35.95
CA LEU B 241 -2.27 2.12 -36.21
C LEU B 241 -2.10 2.87 -37.53
N PRO B 242 -2.64 2.37 -38.67
CA PRO B 242 -2.46 3.05 -39.95
C PRO B 242 -3.09 4.45 -40.01
N LYS B 243 -3.96 4.80 -39.06
CA LYS B 243 -4.65 6.13 -38.94
C LYS B 243 -3.85 7.10 -38.06
N LEU B 244 -3.01 6.56 -37.18
CA LEU B 244 -2.35 7.25 -36.04
C LEU B 244 -1.31 8.24 -36.60
N THR B 245 -1.43 9.54 -36.30
CA THR B 245 -0.53 10.62 -36.81
C THR B 245 0.16 11.36 -35.66
N VAL B 246 -0.18 11.07 -34.42
CA VAL B 246 0.32 11.86 -33.25
C VAL B 246 1.81 11.58 -33.09
N PRO B 247 2.65 12.61 -32.85
CA PRO B 247 4.01 12.37 -32.41
C PRO B 247 4.01 11.32 -31.31
N PHE B 248 5.00 10.42 -31.30
CA PHE B 248 5.18 9.54 -30.13
C PHE B 248 6.61 9.14 -29.87
N LEU B 249 6.90 8.94 -28.58
CA LEU B 249 8.11 8.26 -28.05
C LEU B 249 7.74 6.85 -27.59
N LEU B 250 8.37 5.82 -28.15
CA LEU B 250 8.12 4.40 -27.80
C LEU B 250 9.36 3.82 -27.12
N LEU B 251 9.19 3.39 -25.88
CA LEU B 251 10.25 2.73 -25.08
C LEU B 251 9.81 1.30 -24.82
N GLN B 252 10.68 0.34 -25.11
CA GLN B 252 10.37 -1.10 -25.06
C GLN B 252 11.61 -1.87 -24.56
N GLY B 253 11.36 -2.91 -23.78
CA GLY B 253 12.38 -3.85 -23.29
C GLY B 253 12.47 -5.05 -24.22
N SER B 254 13.71 -5.50 -24.58
CA SER B 254 13.97 -6.67 -25.47
C SER B 254 13.41 -7.94 -24.83
N ALA B 255 13.46 -8.04 -23.50
CA ALA B 255 13.16 -9.30 -22.77
C ALA B 255 11.78 -9.21 -22.09
N ASP B 256 10.84 -8.49 -22.69
CA ASP B 256 9.48 -8.26 -22.11
C ASP B 256 8.62 -9.51 -22.35
N ARG B 257 8.18 -10.19 -21.30
CA ARG B 257 7.37 -11.43 -21.45
C ARG B 257 5.87 -11.11 -21.35
N LEU B 258 5.48 -9.84 -21.15
CA LEU B 258 4.04 -9.45 -21.05
C LEU B 258 3.58 -8.74 -22.32
N CYS B 259 4.32 -7.73 -22.80
CA CYS B 259 4.10 -7.11 -24.13
C CYS B 259 5.38 -7.35 -24.97
N ASP B 260 5.36 -8.36 -25.85
CA ASP B 260 6.53 -8.79 -26.66
C ASP B 260 7.04 -7.58 -27.45
N SER B 261 8.36 -7.42 -27.55
CA SER B 261 9.02 -6.36 -28.35
C SER B 261 8.51 -6.38 -29.81
N LYS B 262 8.11 -7.52 -30.36
CA LYS B 262 7.52 -7.58 -31.72
C LYS B 262 6.48 -6.47 -31.92
N GLY B 263 5.66 -6.17 -30.89
CA GLY B 263 4.56 -5.19 -31.01
C GLY B 263 5.05 -3.76 -31.13
N ALA B 264 6.13 -3.42 -30.45
CA ALA B 264 6.77 -2.10 -30.58
C ALA B 264 7.30 -1.94 -32.01
N TYR B 265 7.97 -2.94 -32.55
CA TYR B 265 8.45 -2.90 -33.96
C TYR B 265 7.23 -2.65 -34.87
N LEU B 266 6.12 -3.36 -34.64
CA LEU B 266 4.90 -3.27 -35.49
C LEU B 266 4.32 -1.85 -35.44
N LEU B 267 4.44 -1.18 -34.31
CA LEU B 267 3.86 0.17 -34.10
C LEU B 267 4.68 1.14 -34.94
N MET B 268 5.99 0.98 -34.91
CA MET B 268 6.93 1.85 -35.66
C MET B 268 6.67 1.72 -37.18
N GLU B 269 6.36 0.53 -37.70
CA GLU B 269 6.19 0.35 -39.17
C GLU B 269 4.75 0.70 -39.60
N LEU B 270 3.75 0.67 -38.73
CA LEU B 270 2.34 0.88 -39.15
C LEU B 270 1.82 2.29 -38.82
N ALA B 271 2.25 2.91 -37.72
CA ALA B 271 1.84 4.29 -37.40
C ALA B 271 2.15 5.14 -38.63
N LYS B 272 1.30 6.11 -38.94
CA LYS B 272 1.48 7.03 -40.10
C LYS B 272 2.19 8.29 -39.61
N SER B 273 2.51 8.37 -38.32
CA SER B 273 3.14 9.53 -37.63
C SER B 273 4.50 9.91 -38.24
N GLN B 274 4.65 11.19 -38.57
CA GLN B 274 5.89 11.77 -39.11
CA GLN B 274 5.88 11.80 -39.11
C GLN B 274 6.94 11.88 -38.00
N ASP B 275 6.53 11.99 -36.73
CA ASP B 275 7.48 12.17 -35.59
C ASP B 275 7.41 10.96 -34.64
N LYS B 276 8.20 9.91 -34.90
CA LYS B 276 8.20 8.62 -34.15
C LYS B 276 9.63 8.14 -33.83
N THR B 277 9.88 7.85 -32.55
CA THR B 277 11.20 7.42 -31.99
C THR B 277 11.01 6.16 -31.14
N LEU B 278 11.82 5.13 -31.40
CA LEU B 278 11.87 3.87 -30.62
C LEU B 278 13.23 3.77 -29.91
N LYS B 279 13.25 3.57 -28.58
CA LYS B 279 14.42 3.03 -27.85
C LYS B 279 14.14 1.60 -27.40
N ILE B 280 15.04 0.66 -27.69
CA ILE B 280 15.01 -0.71 -27.10
C ILE B 280 15.99 -0.72 -25.93
N TYR B 281 15.56 -1.33 -24.83
CA TYR B 281 16.39 -1.52 -23.61
C TYR B 281 16.74 -3.01 -23.55
N GLU B 282 18.00 -3.30 -23.89
CA GLU B 282 18.43 -4.70 -24.15
C GLU B 282 18.46 -5.46 -22.82
N GLY B 283 17.73 -6.57 -22.74
CA GLY B 283 17.60 -7.39 -21.51
C GLY B 283 16.57 -6.89 -20.49
N ALA B 284 15.92 -5.75 -20.68
CA ALA B 284 14.89 -5.21 -19.73
C ALA B 284 13.56 -5.98 -19.86
N TYR B 285 12.82 -6.05 -18.76
CA TYR B 285 11.46 -6.62 -18.69
C TYR B 285 10.44 -5.53 -18.98
N HIS B 286 9.25 -5.62 -18.37
CA HIS B 286 8.03 -4.88 -18.79
C HIS B 286 8.02 -3.45 -18.24
N VAL B 287 8.31 -3.25 -16.95
CA VAL B 287 8.03 -1.94 -16.29
C VAL B 287 9.34 -1.15 -16.28
N LEU B 288 9.64 -0.56 -17.43
CA LEU B 288 10.96 0.04 -17.71
C LEU B 288 11.19 1.14 -16.68
N HIS B 289 10.13 1.84 -16.29
CA HIS B 289 10.23 2.99 -15.37
C HIS B 289 10.35 2.50 -13.91
N LYS B 290 10.41 1.20 -13.68
CA LYS B 290 10.65 0.59 -12.35
C LYS B 290 11.58 -0.61 -12.57
N GLU B 291 12.60 -0.40 -13.40
CA GLU B 291 13.52 -1.46 -13.81
C GLU B 291 14.80 -1.24 -13.01
N LEU B 292 15.91 -1.84 -13.46
CA LEU B 292 17.25 -1.57 -12.87
C LEU B 292 17.55 -0.08 -13.00
N PRO B 293 18.27 0.49 -12.02
CA PRO B 293 18.62 1.91 -12.04
C PRO B 293 19.14 2.44 -13.39
N GLU B 294 19.94 1.63 -14.11
CA GLU B 294 20.54 2.01 -15.41
C GLU B 294 19.41 2.24 -16.42
N VAL B 295 18.40 1.37 -16.46
CA VAL B 295 17.27 1.52 -17.43
C VAL B 295 16.37 2.68 -16.97
N THR B 296 15.98 2.67 -15.70
CA THR B 296 14.96 3.62 -15.17
C THR B 296 15.48 5.06 -15.35
N ASN B 297 16.75 5.30 -15.02
CA ASN B 297 17.35 6.67 -15.11
C ASN B 297 17.38 7.13 -16.58
N SER B 298 17.61 6.20 -17.50
CA SER B 298 17.61 6.47 -18.96
C SER B 298 16.17 6.74 -19.41
N VAL B 299 15.21 5.98 -18.87
CA VAL B 299 13.77 6.16 -19.22
C VAL B 299 13.34 7.55 -18.81
N PHE B 300 13.65 7.97 -17.59
CA PHE B 300 13.24 9.30 -17.06
C PHE B 300 13.90 10.36 -17.92
N HIS B 301 15.22 10.19 -18.21
CA HIS B 301 16.05 11.15 -18.99
C HIS B 301 15.41 11.35 -20.37
N GLU B 302 15.08 10.26 -21.07
CA GLU B 302 14.56 10.33 -22.46
C GLU B 302 13.15 10.93 -22.47
N ILE B 303 12.28 10.57 -21.53
CA ILE B 303 10.92 11.18 -21.47
C ILE B 303 11.09 12.67 -21.23
N ASN B 304 11.99 13.05 -20.31
CA ASN B 304 12.34 14.46 -19.99
C ASN B 304 12.71 15.18 -21.30
N MET B 305 13.78 14.73 -21.99
CA MET B 305 14.30 15.35 -23.25
C MET B 305 13.19 15.42 -24.30
N TRP B 306 12.49 14.31 -24.54
CA TRP B 306 11.49 14.23 -25.63
C TRP B 306 10.34 15.21 -25.38
N VAL B 307 9.84 15.29 -24.15
CA VAL B 307 8.73 16.22 -23.79
C VAL B 307 9.26 17.66 -23.79
N SER B 308 10.44 17.92 -23.18
CA SER B 308 11.09 19.27 -23.12
C SER B 308 11.22 19.89 -24.51
N GLN B 309 11.67 19.14 -25.50
CA GLN B 309 11.87 19.64 -26.89
C GLN B 309 10.55 19.93 -27.58
N ARG B 310 9.47 19.26 -27.20
CA ARG B 310 8.14 19.45 -27.83
C ARG B 310 7.29 20.43 -27.04
N THR B 311 7.88 21.08 -26.02
CA THR B 311 7.30 22.23 -25.25
C THR B 311 8.29 23.41 -25.28
C4 XP7 C . 8.87 6.62 27.08
C5 XP7 C . 10.32 8.94 26.81
C6 XP7 C . 8.26 7.82 26.76
C7 XP7 C . 7.54 -6.43 26.15
C8 XP7 C . 7.34 -0.46 25.28
C10 XP7 C . 9.07 -4.72 25.69
C13 XP7 C . 7.99 0.62 27.35
C15 XP7 C . 7.95 3.13 27.27
C17 XP7 C . 8.06 -1.66 25.83
C1 XP7 C . 10.23 6.57 27.28
C2 XP7 C . 10.93 7.75 27.14
C3 XP7 C . 8.96 9.00 26.62
C9 XP7 C . 9.03 -6.20 25.92
C11 XP7 C . 8.77 1.87 27.59
C12 XP7 C . 7.45 3.08 25.84
C14 XP7 C . 6.77 1.79 25.51
C16 XP7 C . 7.85 -4.11 26.40
C18 XP7 C . 8.93 4.34 27.33
C19 XP7 C . 7.23 -2.90 25.65
N20 XP7 C . 6.94 -5.22 26.46
N21 XP7 C . 7.47 0.64 26.00
O22 XP7 C . 6.99 -7.52 26.05
O23 XP7 C . 6.72 -0.42 24.22
O24 XP7 C . 8.09 5.50 27.19
F25 XP7 C . 11.05 10.06 26.69
CL26 XP7 C . 6.60 7.89 26.52
CL CL D . 0.52 9.27 14.53
C4 XP7 E . -3.63 -10.24 -22.18
C5 XP7 E . -5.58 -12.17 -22.76
C6 XP7 E . -4.34 -10.23 -23.36
C7 XP7 E . 2.84 -2.35 -13.77
C8 XP7 E . -0.71 -4.46 -18.12
C10 XP7 E . 0.97 -3.88 -14.02
C13 XP7 E . 0.18 -6.68 -18.85
C15 XP7 E . -1.22 -8.06 -20.48
C17 XP7 E . 0.04 -4.71 -16.85
C1 XP7 E . -3.92 -11.26 -21.27
C2 XP7 E . -4.89 -12.20 -21.57
C3 XP7 E . -5.30 -11.18 -23.68
C9 XP7 E . 1.86 -3.23 -12.99
C11 XP7 E . -0.41 -8.05 -19.20
C12 XP7 E . -2.11 -6.82 -20.53
C14 XP7 E . -1.40 -5.51 -20.23
C16 XP7 E . 1.81 -3.80 -15.30
C18 XP7 E . -2.08 -9.32 -20.65
C19 XP7 E . 1.01 -3.57 -16.57
N20 XP7 E . 2.63 -2.63 -15.11
N21 XP7 E . -0.76 -5.58 -18.96
O22 XP7 E . 3.63 -1.54 -13.31
O23 XP7 E . -1.25 -3.38 -18.35
O24 XP7 E . -2.69 -9.23 -21.97
F25 XP7 E . -6.52 -13.08 -23.06
CL26 XP7 E . -4.02 -9.04 -24.50
#